data_5D87
#
_entry.id   5D87
#
_cell.length_a   55.980
_cell.length_b   115.170
_cell.length_c   44.670
_cell.angle_alpha   90.000
_cell.angle_beta   90.000
_cell.angle_gamma   90.000
#
_symmetry.space_group_name_H-M   'P 21 21 2'
#
loop_
_entity.id
_entity.type
_entity.pdbx_description
1 polymer 'Probable siderophore biosynthesis protein SbnA'
2 non-polymer "PYRIDOXAL-5'-PHOSPHATE"
3 non-polymer 'MAGNESIUM ION'
4 non-polymer 'POTASSIUM ION'
5 water water
#
_entity_poly.entity_id   1
_entity_poly.type   'polypeptide(L)'
_entity_poly.pdbx_seq_one_letter_code
;MIEKSQACHDSLLDSVGQTPMVQLHQLFPKHEVFAKLEYMNPGGSMKDRPAKYIIEHGIKHGLITENTHLIESTSGNLGI
ALAMIAKIKGLKLTCVVDPKISPTNLKIIKSYGANVEMVEEPDAHGGYLMTRIAKVQELLATIDDAYWINQFANELNWQS
HYHGAGTEIVETIKQPIDYFVAPVGTTGSIMGMSRKIKEVHPNAQIVAVDAKGSVIFGDKPINRELPGIGASRVPEILNR
SEINQVIHVDDYQSALGCRKLIDYEGIFAGGSTGSIIAAIEQLITSIEEGATIVTILPDRGDRYLDLVYSDTWLEKMKSR
QGVKSE
;
_entity_poly.pdbx_strand_id   A
#
loop_
_chem_comp.id
_chem_comp.type
_chem_comp.name
_chem_comp.formula
K non-polymer 'POTASSIUM ION' 'K 1'
MG non-polymer 'MAGNESIUM ION' 'Mg 2'
PLP non-polymer PYRIDOXAL-5'-PHOSPHATE 'C8 H10 N O6 P'
#
# COMPACT_ATOMS: atom_id res chain seq x y z
N GLN A 6 0.04 -23.61 18.13
CA GLN A 6 -0.78 -22.43 17.83
C GLN A 6 -1.92 -22.28 18.83
N ALA A 7 -2.24 -21.05 19.19
CA ALA A 7 -3.34 -20.76 20.11
C ALA A 7 -4.59 -20.30 19.35
N CYS A 8 -5.75 -20.40 20.02
CA CYS A 8 -6.98 -19.86 19.45
C CYS A 8 -7.02 -18.34 19.50
N HIS A 9 -7.51 -17.77 18.42
CA HIS A 9 -7.78 -16.34 18.35
C HIS A 9 -9.20 -16.06 18.80
N ASP A 10 -9.41 -14.92 19.44
CA ASP A 10 -10.76 -14.61 19.90
C ASP A 10 -11.50 -13.82 18.83
N SER A 11 -10.73 -13.26 17.90
CA SER A 11 -11.32 -12.66 16.71
C SER A 11 -10.33 -12.65 15.58
N LEU A 12 -10.84 -12.31 14.41
CA LEU A 12 -10.01 -12.20 13.25
C LEU A 12 -8.87 -11.18 13.43
N LEU A 13 -9.07 -10.21 14.33
CA LEU A 13 -8.06 -9.17 14.59
C LEU A 13 -6.72 -9.77 15.01
N ASP A 14 -6.76 -10.85 15.76
CA ASP A 14 -5.54 -11.53 16.20
C ASP A 14 -4.70 -12.13 15.09
N SER A 15 -5.26 -12.28 13.90
N SER A 15 -5.28 -12.25 13.89
CA SER A 15 -4.48 -12.82 12.79
CA SER A 15 -4.56 -12.81 12.76
C SER A 15 -3.94 -11.74 11.86
C SER A 15 -3.89 -11.74 11.91
N VAL A 16 -4.15 -10.47 12.21
CA VAL A 16 -3.46 -9.40 11.50
C VAL A 16 -1.98 -9.44 11.90
N GLY A 17 -1.11 -9.38 10.90
CA GLY A 17 0.32 -9.31 11.15
C GLY A 17 0.97 -10.69 11.25
N GLN A 18 2.23 -10.71 11.68
CA GLN A 18 3.05 -11.93 11.71
C GLN A 18 2.99 -12.67 10.38
N THR A 19 3.10 -11.92 9.30
CA THR A 19 2.99 -12.47 7.96
C THR A 19 4.30 -13.16 7.58
N PRO A 20 4.22 -14.12 6.65
CA PRO A 20 5.44 -14.84 6.26
C PRO A 20 6.48 -13.95 5.59
N MET A 21 7.73 -14.37 5.76
CA MET A 21 8.85 -13.83 5.03
C MET A 21 9.43 -14.93 4.15
N VAL A 22 9.52 -14.70 2.85
N VAL A 22 9.57 -14.66 2.86
CA VAL A 22 10.12 -15.70 2.00
CA VAL A 22 10.04 -15.67 1.91
C VAL A 22 11.37 -15.14 1.33
C VAL A 22 11.24 -15.20 1.09
N GLN A 23 12.29 -16.03 0.99
CA GLN A 23 13.44 -15.64 0.20
C GLN A 23 13.12 -15.97 -1.25
N LEU A 24 13.44 -15.05 -2.15
CA LEU A 24 13.20 -15.26 -3.57
C LEU A 24 14.46 -15.81 -4.24
N HIS A 25 14.70 -17.10 -4.04
CA HIS A 25 15.91 -17.76 -4.52
C HIS A 25 15.96 -17.87 -6.03
N GLN A 26 14.79 -18.04 -6.65
CA GLN A 26 14.77 -18.34 -8.09
C GLN A 26 14.82 -17.06 -8.89
N LEU A 27 14.14 -16.03 -8.41
CA LEU A 27 14.09 -14.77 -9.14
C LEU A 27 15.40 -13.99 -9.00
N PHE A 28 16.05 -14.14 -7.84
CA PHE A 28 17.28 -13.40 -7.55
C PHE A 28 18.38 -14.35 -7.10
N PRO A 29 19.00 -15.04 -8.05
CA PRO A 29 20.00 -16.05 -7.72
C PRO A 29 21.35 -15.53 -7.25
N LYS A 30 21.57 -14.21 -7.35
CA LYS A 30 22.87 -13.65 -7.00
C LYS A 30 22.82 -12.64 -5.85
N HIS A 31 21.64 -12.55 -5.20
CA HIS A 31 21.44 -11.65 -4.05
C HIS A 31 20.56 -12.37 -3.07
N GLU A 32 20.51 -11.87 -1.84
CA GLU A 32 19.66 -12.47 -0.81
C GLU A 32 18.46 -11.58 -0.65
N VAL A 33 17.39 -11.92 -1.35
CA VAL A 33 16.22 -11.05 -1.42
C VAL A 33 15.05 -11.63 -0.65
N PHE A 34 14.61 -10.89 0.35
CA PHE A 34 13.56 -11.35 1.25
C PHE A 34 12.29 -10.55 1.07
N ALA A 35 11.19 -11.27 0.85
CA ALA A 35 9.90 -10.65 0.58
C ALA A 35 8.93 -10.88 1.74
N LYS A 36 8.48 -9.79 2.33
CA LYS A 36 7.50 -9.82 3.39
C LYS A 36 6.11 -9.90 2.78
N LEU A 37 5.39 -10.98 3.04
CA LEU A 37 4.12 -11.23 2.34
C LEU A 37 2.93 -10.55 3.02
N GLU A 38 2.90 -9.22 2.91
CA GLU A 38 1.86 -8.42 3.57
C GLU A 38 0.48 -8.74 3.01
N TYR A 39 0.43 -9.29 1.80
CA TYR A 39 -0.86 -9.67 1.23
C TYR A 39 -1.55 -10.81 1.97
N MET A 40 -0.79 -11.46 2.87
N MET A 40 -0.81 -11.49 2.86
CA MET A 40 -1.28 -12.60 3.62
CA MET A 40 -1.40 -12.61 3.58
C MET A 40 -2.09 -12.19 4.85
C MET A 40 -2.09 -12.20 4.86
N ASN A 41 -2.15 -10.89 5.11
CA ASN A 41 -3.03 -10.37 6.16
C ASN A 41 -4.48 -10.81 5.87
N PRO A 42 -5.29 -10.98 6.92
CA PRO A 42 -6.59 -11.65 6.76
C PRO A 42 -7.56 -10.89 5.85
N GLY A 43 -7.42 -9.58 5.76
CA GLY A 43 -8.24 -8.77 4.88
C GLY A 43 -7.79 -8.76 3.43
N GLY A 44 -6.60 -9.28 3.19
CA GLY A 44 -6.09 -9.44 1.84
C GLY A 44 -5.03 -8.45 1.41
N SER A 45 -4.70 -7.49 2.26
CA SER A 45 -3.60 -6.58 1.93
C SER A 45 -2.93 -5.99 3.15
N MET A 46 -1.84 -5.29 2.86
CA MET A 46 -1.07 -4.55 3.83
C MET A 46 -1.91 -3.52 4.59
N LYS A 47 -3.03 -3.08 4.01
CA LYS A 47 -3.80 -2.00 4.62
C LYS A 47 -4.50 -2.45 5.90
N ASP A 48 -4.55 -3.76 6.15
CA ASP A 48 -5.03 -4.25 7.45
C ASP A 48 -4.25 -3.56 8.58
N ARG A 49 -2.96 -3.31 8.38
CA ARG A 49 -2.09 -2.78 9.45
C ARG A 49 -2.54 -1.38 9.89
N PRO A 50 -2.60 -0.40 8.96
CA PRO A 50 -3.07 0.90 9.44
C PRO A 50 -4.54 0.91 9.81
N ALA A 51 -5.39 0.13 9.14
CA ALA A 51 -6.80 0.13 9.52
C ALA A 51 -6.97 -0.28 11.00
N LYS A 52 -6.33 -1.40 11.38
N LYS A 52 -6.34 -1.39 11.38
CA LYS A 52 -6.44 -1.89 12.75
CA LYS A 52 -6.46 -1.87 12.76
C LYS A 52 -5.82 -0.88 13.72
C LYS A 52 -5.82 -0.89 13.73
N TYR A 53 -4.62 -0.42 13.41
CA TYR A 53 -3.85 0.41 14.32
C TYR A 53 -4.50 1.79 14.53
N ILE A 54 -4.94 2.43 13.45
CA ILE A 54 -5.55 3.75 13.56
C ILE A 54 -6.85 3.66 14.37
N ILE A 55 -7.69 2.68 14.06
CA ILE A 55 -8.98 2.60 14.72
C ILE A 55 -8.80 2.22 16.19
N GLU A 56 -7.92 1.27 16.49
CA GLU A 56 -7.71 0.87 17.88
C GLU A 56 -7.09 2.02 18.68
N HIS A 57 -6.18 2.77 18.08
CA HIS A 57 -5.60 3.90 18.78
C HIS A 57 -6.68 4.94 19.13
N GLY A 58 -7.53 5.26 18.14
CA GLY A 58 -8.61 6.21 18.38
C GLY A 58 -9.56 5.77 19.47
N ILE A 59 -9.86 4.48 19.50
CA ILE A 59 -10.75 3.97 20.54
C ILE A 59 -10.07 4.06 21.91
N LYS A 60 -8.81 3.64 21.99
CA LYS A 60 -8.09 3.67 23.26
C LYS A 60 -8.05 5.07 23.86
N HIS A 61 -7.90 6.08 23.01
CA HIS A 61 -7.72 7.45 23.44
C HIS A 61 -9.00 8.30 23.37
N GLY A 62 -10.12 7.64 23.14
CA GLY A 62 -11.41 8.29 23.30
C GLY A 62 -11.81 9.21 22.18
N LEU A 63 -11.10 9.16 21.05
CA LEU A 63 -11.46 9.89 19.84
C LEU A 63 -12.54 9.18 19.05
N ILE A 64 -12.59 7.86 19.20
CA ILE A 64 -13.54 7.01 18.50
C ILE A 64 -14.30 6.22 19.55
N THR A 65 -15.62 6.33 19.52
CA THR A 65 -16.45 5.40 20.29
C THR A 65 -17.35 4.64 19.34
N GLU A 66 -18.22 3.78 19.87
CA GLU A 66 -19.13 3.00 19.05
C GLU A 66 -20.05 3.88 18.21
N ASN A 67 -20.23 5.14 18.64
CA ASN A 67 -21.07 6.08 17.89
C ASN A 67 -20.34 6.87 16.80
N THR A 68 -19.02 6.76 16.74
CA THR A 68 -18.22 7.54 15.81
C THR A 68 -18.25 6.93 14.40
N HIS A 69 -18.53 7.78 13.41
CA HIS A 69 -18.62 7.39 12.03
C HIS A 69 -17.27 7.60 11.33
N LEU A 70 -16.66 6.53 10.82
CA LEU A 70 -15.37 6.64 10.14
C LEU A 70 -15.57 7.15 8.72
N ILE A 71 -14.71 8.06 8.28
N ILE A 71 -14.71 8.07 8.29
CA ILE A 71 -14.79 8.62 6.93
CA ILE A 71 -14.75 8.62 6.94
C ILE A 71 -13.43 8.62 6.25
C ILE A 71 -13.39 8.52 6.29
N GLU A 72 -13.35 8.11 5.02
CA GLU A 72 -12.11 8.18 4.27
C GLU A 72 -12.41 8.17 2.78
N SER A 73 -11.59 8.89 2.02
CA SER A 73 -11.56 8.78 0.56
C SER A 73 -10.57 7.70 0.20
N THR A 74 -11.03 6.65 -0.47
CA THR A 74 -10.11 5.55 -0.70
C THR A 74 -10.23 4.89 -2.05
N SER A 75 -9.12 4.35 -2.53
CA SER A 75 -9.23 3.32 -3.54
C SER A 75 -9.55 2.02 -2.78
N GLY A 76 -9.55 0.91 -3.49
CA GLY A 76 -9.97 -0.35 -2.92
C GLY A 76 -9.33 -0.77 -1.61
N ASN A 77 -8.00 -0.90 -1.56
CA ASN A 77 -7.40 -1.66 -0.47
C ASN A 77 -7.63 -1.08 0.91
N LEU A 78 -7.45 0.23 1.10
CA LEU A 78 -7.70 0.77 2.43
C LEU A 78 -9.21 0.73 2.77
N GLY A 79 -10.05 0.97 1.77
CA GLY A 79 -11.49 0.84 1.95
C GLY A 79 -11.90 -0.54 2.46
N ILE A 80 -11.36 -1.58 1.85
CA ILE A 80 -11.66 -2.95 2.27
C ILE A 80 -11.17 -3.22 3.68
N ALA A 81 -9.94 -2.79 3.98
CA ALA A 81 -9.36 -3.00 5.30
C ALA A 81 -10.13 -2.25 6.39
N LEU A 82 -10.43 -0.98 6.15
CA LEU A 82 -11.27 -0.21 7.08
C LEU A 82 -12.63 -0.87 7.28
N ALA A 83 -13.22 -1.38 6.20
CA ALA A 83 -14.55 -1.95 6.29
C ALA A 83 -14.54 -3.20 7.18
N MET A 84 -13.47 -3.99 7.05
CA MET A 84 -13.34 -5.17 7.87
C MET A 84 -13.19 -4.81 9.34
N ILE A 85 -12.25 -3.90 9.64
CA ILE A 85 -12.02 -3.51 11.03
C ILE A 85 -13.26 -2.82 11.59
N ALA A 86 -13.86 -1.89 10.84
CA ALA A 86 -15.10 -1.23 11.28
C ALA A 86 -16.18 -2.25 11.63
N LYS A 87 -16.34 -3.26 10.78
CA LYS A 87 -17.38 -4.25 11.01
C LYS A 87 -17.10 -5.01 12.32
N ILE A 88 -15.85 -5.40 12.52
CA ILE A 88 -15.51 -6.12 13.74
C ILE A 88 -15.74 -5.27 14.98
N LYS A 89 -15.37 -3.99 14.91
CA LYS A 89 -15.47 -3.05 16.04
C LYS A 89 -16.88 -2.49 16.27
N GLY A 90 -17.79 -2.72 15.31
CA GLY A 90 -19.16 -2.23 15.42
C GLY A 90 -19.31 -0.76 15.05
N LEU A 91 -18.46 -0.31 14.13
CA LEU A 91 -18.44 1.08 13.73
C LEU A 91 -19.01 1.29 12.34
N LYS A 92 -19.68 2.42 12.14
CA LYS A 92 -20.10 2.87 10.83
C LYS A 92 -18.91 3.41 10.05
N LEU A 93 -18.92 3.19 8.74
CA LEU A 93 -17.84 3.65 7.86
C LEU A 93 -18.47 4.15 6.57
N THR A 94 -18.04 5.31 6.10
CA THR A 94 -18.37 5.70 4.74
C THR A 94 -17.09 5.90 3.96
N CYS A 95 -16.98 5.17 2.85
CA CYS A 95 -15.88 5.36 1.89
C CYS A 95 -16.30 6.29 0.76
N VAL A 96 -15.53 7.34 0.56
CA VAL A 96 -15.72 8.24 -0.56
C VAL A 96 -14.92 7.69 -1.73
N VAL A 97 -15.58 7.43 -2.84
CA VAL A 97 -14.89 6.79 -3.97
C VAL A 97 -15.24 7.51 -5.25
N ASP A 98 -14.58 7.12 -6.35
CA ASP A 98 -14.92 7.70 -7.63
C ASP A 98 -15.14 6.60 -8.67
N PRO A 99 -15.60 6.96 -9.88
CA PRO A 99 -15.86 5.90 -10.86
C PRO A 99 -14.63 5.11 -11.33
N LYS A 100 -13.43 5.51 -10.93
CA LYS A 100 -12.26 4.73 -11.35
C LYS A 100 -11.99 3.52 -10.44
N ILE A 101 -12.71 3.42 -9.32
CA ILE A 101 -12.49 2.32 -8.39
C ILE A 101 -12.82 0.98 -9.09
N SER A 102 -12.02 -0.03 -8.79
CA SER A 102 -12.27 -1.39 -9.28
C SER A 102 -13.68 -1.83 -8.91
N PRO A 103 -14.46 -2.30 -9.90
CA PRO A 103 -15.84 -2.79 -9.62
C PRO A 103 -15.86 -3.92 -8.57
N THR A 104 -14.85 -4.78 -8.61
CA THR A 104 -14.80 -5.86 -7.64
C THR A 104 -14.42 -5.32 -6.26
N ASN A 105 -13.51 -4.35 -6.19
CA ASN A 105 -13.18 -3.81 -4.88
C ASN A 105 -14.40 -3.12 -4.28
N LEU A 106 -15.21 -2.49 -5.11
CA LEU A 106 -16.42 -1.82 -4.63
C LEU A 106 -17.42 -2.82 -4.03
N LYS A 107 -17.63 -3.93 -4.73
CA LYS A 107 -18.50 -4.99 -4.22
C LYS A 107 -17.98 -5.54 -2.88
N ILE A 108 -16.66 -5.67 -2.75
CA ILE A 108 -16.10 -6.16 -1.50
C ILE A 108 -16.37 -5.18 -0.36
N ILE A 109 -16.12 -3.89 -0.59
CA ILE A 109 -16.45 -2.87 0.42
C ILE A 109 -17.92 -2.96 0.84
N LYS A 110 -18.83 -3.08 -0.12
CA LYS A 110 -20.26 -3.16 0.18
C LYS A 110 -20.60 -4.44 0.94
N SER A 111 -19.90 -5.53 0.65
CA SER A 111 -20.14 -6.82 1.32
C SER A 111 -19.85 -6.72 2.81
N TYR A 112 -18.86 -5.90 3.16
CA TYR A 112 -18.53 -5.65 4.57
C TYR A 112 -19.47 -4.63 5.23
N GLY A 113 -20.48 -4.18 4.50
CA GLY A 113 -21.50 -3.33 5.10
C GLY A 113 -21.13 -1.88 5.25
N ALA A 114 -20.04 -1.47 4.62
CA ALA A 114 -19.66 -0.07 4.63
C ALA A 114 -20.55 0.74 3.71
N ASN A 115 -20.78 2.00 4.06
CA ASN A 115 -21.47 2.93 3.18
C ASN A 115 -20.50 3.39 2.12
N VAL A 116 -21.03 3.69 0.95
CA VAL A 116 -20.23 4.20 -0.16
C VAL A 116 -20.82 5.48 -0.70
N GLU A 117 -20.00 6.53 -0.73
CA GLU A 117 -20.38 7.77 -1.38
C GLU A 117 -19.59 7.89 -2.67
N MET A 118 -20.22 7.59 -3.79
N MET A 118 -20.25 7.63 -3.78
CA MET A 118 -19.53 7.72 -5.07
CA MET A 118 -19.63 7.72 -5.10
C MET A 118 -19.74 9.11 -5.63
C MET A 118 -19.76 9.13 -5.65
N VAL A 119 -18.65 9.80 -5.90
CA VAL A 119 -18.74 11.13 -6.48
C VAL A 119 -18.95 10.98 -7.99
N GLU A 120 -19.65 11.94 -8.60
CA GLU A 120 -19.97 11.81 -10.02
C GLU A 120 -19.38 12.95 -10.85
N GLU A 121 -19.28 14.13 -10.25
CA GLU A 121 -18.76 15.28 -10.98
C GLU A 121 -17.23 15.24 -11.00
N PRO A 122 -16.62 15.15 -12.19
CA PRO A 122 -15.18 15.38 -12.18
C PRO A 122 -14.93 16.88 -12.14
N ASP A 123 -13.72 17.31 -11.86
CA ASP A 123 -13.40 18.72 -12.06
C ASP A 123 -13.39 19.00 -13.56
N ALA A 124 -13.19 20.26 -13.95
CA ALA A 124 -13.20 20.66 -15.35
C ALA A 124 -12.10 19.95 -16.16
N HIS A 125 -11.16 19.33 -15.45
CA HIS A 125 -9.96 18.78 -16.08
C HIS A 125 -9.91 17.25 -16.04
N GLY A 126 -10.94 16.63 -15.47
CA GLY A 126 -11.11 15.20 -15.58
C GLY A 126 -10.96 14.40 -14.30
N GLY A 127 -10.07 14.84 -13.42
CA GLY A 127 -9.80 14.10 -12.21
C GLY A 127 -10.98 14.14 -11.24
N TYR A 128 -11.09 13.11 -10.40
CA TYR A 128 -12.06 13.16 -9.31
C TYR A 128 -11.39 13.47 -7.98
N LEU A 129 -10.08 13.75 -7.98
CA LEU A 129 -9.39 13.96 -6.71
C LEU A 129 -9.97 15.13 -5.91
N MET A 130 -10.13 16.28 -6.55
CA MET A 130 -10.60 17.43 -5.80
C MET A 130 -12.05 17.22 -5.40
N THR A 131 -12.80 16.51 -6.22
CA THR A 131 -14.19 16.20 -5.89
C THR A 131 -14.27 15.30 -4.66
N ARG A 132 -13.40 14.30 -4.59
CA ARG A 132 -13.37 13.41 -3.42
C ARG A 132 -12.91 14.15 -2.16
N ILE A 133 -11.89 14.99 -2.29
CA ILE A 133 -11.43 15.80 -1.17
C ILE A 133 -12.60 16.62 -0.63
N ALA A 134 -13.35 17.23 -1.53
CA ALA A 134 -14.48 18.06 -1.13
C ALA A 134 -15.59 17.24 -0.49
N LYS A 135 -15.84 16.04 -1.01
N LYS A 135 -15.82 16.03 -1.01
CA LYS A 135 -16.91 15.21 -0.45
CA LYS A 135 -16.90 15.19 -0.48
C LYS A 135 -16.58 14.77 0.98
C LYS A 135 -16.58 14.74 0.95
N VAL A 136 -15.32 14.40 1.21
CA VAL A 136 -14.90 14.09 2.58
C VAL A 136 -15.19 15.26 3.54
N GLN A 137 -14.83 16.48 3.15
CA GLN A 137 -15.09 17.63 4.02
C GLN A 137 -16.59 17.84 4.21
N GLU A 138 -17.37 17.59 3.16
CA GLU A 138 -18.82 17.71 3.28
C GLU A 138 -19.35 16.73 4.32
N LEU A 139 -18.87 15.49 4.27
CA LEU A 139 -19.32 14.48 5.23
C LEU A 139 -18.88 14.82 6.66
N LEU A 140 -17.66 15.33 6.81
CA LEU A 140 -17.19 15.75 8.14
C LEU A 140 -18.02 16.92 8.65
N ALA A 141 -18.58 17.71 7.74
CA ALA A 141 -19.42 18.84 8.14
C ALA A 141 -20.82 18.40 8.55
N THR A 142 -21.35 17.37 7.91
CA THR A 142 -22.75 17.01 8.06
C THR A 142 -22.98 15.78 8.94
N ILE A 143 -21.98 14.91 9.04
CA ILE A 143 -22.14 13.72 9.88
C ILE A 143 -21.51 14.05 11.22
N ASP A 144 -22.36 14.25 12.21
CA ASP A 144 -21.88 14.53 13.53
C ASP A 144 -21.16 13.31 14.12
N ASP A 145 -20.11 13.57 14.89
CA ASP A 145 -19.27 12.53 15.49
C ASP A 145 -18.65 11.64 14.43
N ALA A 146 -17.65 12.18 13.77
CA ALA A 146 -16.96 11.46 12.72
C ALA A 146 -15.47 11.43 12.99
N TYR A 147 -14.79 10.51 12.35
CA TYR A 147 -13.35 10.43 12.44
C TYR A 147 -12.80 10.25 11.01
N TRP A 148 -12.00 11.22 10.58
CA TRP A 148 -11.36 11.20 9.28
C TRP A 148 -10.06 10.40 9.36
N ILE A 149 -10.00 9.29 8.64
CA ILE A 149 -8.79 8.45 8.64
C ILE A 149 -7.59 9.25 8.13
N ASN A 150 -7.77 10.03 7.07
CA ASN A 150 -6.79 11.03 6.64
C ASN A 150 -5.43 10.38 6.36
N GLN A 151 -5.44 9.36 5.52
CA GLN A 151 -4.28 8.49 5.37
C GLN A 151 -3.01 9.20 4.91
N PHE A 152 -3.13 10.30 4.16
CA PHE A 152 -1.95 10.98 3.65
C PHE A 152 -1.28 11.83 4.71
N ALA A 153 -1.96 12.11 5.82
CA ALA A 153 -1.41 13.03 6.84
C ALA A 153 -1.37 12.44 8.24
N ASN A 154 -2.04 11.31 8.44
CA ASN A 154 -2.20 10.76 9.80
C ASN A 154 -0.93 10.05 10.26
N GLU A 155 -0.28 10.55 11.31
CA GLU A 155 0.97 9.95 11.78
C GLU A 155 0.74 8.48 12.20
N LEU A 156 -0.49 8.13 12.56
CA LEU A 156 -0.78 6.75 12.96
C LEU A 156 -0.60 5.78 11.79
N ASN A 157 -0.70 6.27 10.57
CA ASN A 157 -0.42 5.46 9.39
C ASN A 157 1.04 4.95 9.42
N TRP A 158 2.02 5.83 9.42
CA TRP A 158 3.39 5.32 9.44
C TRP A 158 3.69 4.55 10.74
N GLN A 159 3.08 4.94 11.86
CA GLN A 159 3.32 4.25 13.12
C GLN A 159 2.83 2.79 13.07
N SER A 160 1.74 2.56 12.34
CA SER A 160 1.24 1.20 12.20
C SER A 160 2.29 0.30 11.51
N HIS A 161 3.01 0.87 10.55
CA HIS A 161 4.00 0.10 9.81
C HIS A 161 5.31 -0.04 10.58
N TYR A 162 5.64 0.98 11.37
CA TYR A 162 6.75 0.92 12.32
C TYR A 162 6.58 -0.26 13.30
N HIS A 163 5.38 -0.37 13.87
CA HIS A 163 5.08 -1.42 14.84
C HIS A 163 4.69 -2.73 14.18
N GLY A 164 4.36 -2.66 12.89
CA GLY A 164 3.82 -3.79 12.16
C GLY A 164 4.91 -4.54 11.43
N ALA A 165 4.91 -4.50 10.11
CA ALA A 165 5.93 -5.23 9.37
C ALA A 165 7.34 -4.73 9.70
N GLY A 166 7.51 -3.45 10.04
CA GLY A 166 8.84 -2.93 10.34
C GLY A 166 9.47 -3.70 11.49
N THR A 167 8.70 -3.89 12.55
CA THR A 167 9.17 -4.62 13.72
C THR A 167 9.41 -6.09 13.39
N GLU A 168 8.51 -6.68 12.63
CA GLU A 168 8.66 -8.09 12.26
C GLU A 168 9.86 -8.29 11.35
N ILE A 169 10.13 -7.33 10.47
CA ILE A 169 11.29 -7.43 9.56
C ILE A 169 12.59 -7.46 10.36
N VAL A 170 12.75 -6.59 11.36
CA VAL A 170 14.03 -6.59 12.08
C VAL A 170 14.18 -7.78 13.04
N GLU A 171 13.06 -8.35 13.46
N GLU A 171 13.06 -8.37 13.43
CA GLU A 171 13.09 -9.55 14.30
CA GLU A 171 13.10 -9.54 14.31
C GLU A 171 13.58 -10.74 13.46
C GLU A 171 13.36 -10.83 13.52
N THR A 172 13.12 -10.79 12.21
CA THR A 172 13.39 -11.93 11.34
C THR A 172 14.72 -11.75 10.63
N ILE A 173 14.90 -10.62 9.96
CA ILE A 173 16.15 -10.36 9.24
C ILE A 173 17.11 -9.64 10.18
N LYS A 174 17.73 -10.42 11.04
CA LYS A 174 18.69 -9.88 11.99
C LYS A 174 20.05 -9.65 11.34
N GLN A 175 20.30 -10.31 10.21
CA GLN A 175 21.53 -10.01 9.46
C GLN A 175 21.41 -8.60 8.90
N PRO A 176 22.56 -7.94 8.60
CA PRO A 176 22.46 -6.59 8.05
C PRO A 176 21.58 -6.51 6.81
N ILE A 177 20.68 -5.52 6.81
CA ILE A 177 19.85 -5.21 5.66
C ILE A 177 20.60 -4.16 4.85
N ASP A 178 21.02 -4.52 3.65
CA ASP A 178 21.79 -3.58 2.86
C ASP A 178 20.87 -2.59 2.16
N TYR A 179 19.72 -3.06 1.68
CA TYR A 179 18.74 -2.22 0.98
C TYR A 179 17.34 -2.62 1.39
N PHE A 180 16.53 -1.62 1.75
CA PHE A 180 15.12 -1.83 1.99
C PHE A 180 14.37 -1.14 0.86
N VAL A 181 13.53 -1.89 0.15
CA VAL A 181 12.88 -1.42 -1.07
C VAL A 181 11.37 -1.46 -0.86
N ALA A 182 10.67 -0.33 -0.98
CA ALA A 182 9.22 -0.30 -0.75
C ALA A 182 8.53 0.60 -1.75
N PRO A 183 7.32 0.21 -2.20
CA PRO A 183 6.50 1.09 -3.04
C PRO A 183 5.92 2.20 -2.19
N VAL A 184 5.62 3.33 -2.82
CA VAL A 184 5.04 4.46 -2.12
C VAL A 184 3.68 4.88 -2.69
N GLY A 185 2.78 5.18 -1.77
CA GLY A 185 1.48 5.77 -2.07
C GLY A 185 1.29 6.90 -1.10
N THR A 186 0.89 6.58 0.14
CA THR A 186 0.89 7.59 1.20
C THR A 186 2.29 7.81 1.78
N THR A 187 3.18 6.85 1.53
CA THR A 187 4.54 6.72 2.11
C THR A 187 4.52 6.27 3.58
N GLY A 188 3.34 5.91 4.10
CA GLY A 188 3.27 5.40 5.46
C GLY A 188 4.15 4.17 5.61
N SER A 189 4.09 3.27 4.65
CA SER A 189 4.88 2.04 4.75
C SER A 189 6.38 2.30 4.75
N ILE A 190 6.88 3.06 3.77
CA ILE A 190 8.32 3.24 3.72
C ILE A 190 8.82 4.12 4.88
N MET A 191 8.02 5.11 5.30
CA MET A 191 8.44 5.90 6.45
C MET A 191 8.50 5.05 7.72
N GLY A 192 7.42 4.33 8.03
CA GLY A 192 7.39 3.59 9.27
C GLY A 192 8.36 2.42 9.31
N MET A 193 8.41 1.66 8.23
CA MET A 193 9.29 0.49 8.19
C MET A 193 10.75 0.92 8.16
N SER A 194 11.08 1.94 7.37
CA SER A 194 12.49 2.36 7.34
C SER A 194 12.93 2.89 8.71
N ARG A 195 12.06 3.60 9.42
CA ARG A 195 12.43 4.10 10.74
C ARG A 195 12.75 2.94 11.69
N LYS A 196 11.93 1.90 11.68
CA LYS A 196 12.21 0.77 12.56
C LYS A 196 13.48 0.02 12.12
N ILE A 197 13.60 -0.23 10.81
CA ILE A 197 14.75 -0.94 10.29
C ILE A 197 16.07 -0.26 10.65
N LYS A 198 16.12 1.06 10.52
CA LYS A 198 17.39 1.75 10.74
C LYS A 198 17.76 1.88 12.22
N GLU A 199 16.83 1.58 13.11
CA GLU A 199 17.23 1.49 14.52
C GLU A 199 18.19 0.31 14.74
N VAL A 200 17.97 -0.76 14.00
CA VAL A 200 18.75 -1.98 14.14
C VAL A 200 19.89 -2.01 13.12
N HIS A 201 19.60 -1.53 11.92
CA HIS A 201 20.53 -1.55 10.79
C HIS A 201 20.74 -0.12 10.26
N PRO A 202 21.54 0.68 10.98
CA PRO A 202 21.64 2.10 10.66
C PRO A 202 22.17 2.40 9.25
N ASN A 203 22.84 1.45 8.62
CA ASN A 203 23.41 1.68 7.28
C ASN A 203 22.53 1.20 6.14
N ALA A 204 21.36 0.67 6.47
CA ALA A 204 20.40 0.23 5.43
C ALA A 204 20.08 1.39 4.50
N GLN A 205 20.17 1.17 3.20
CA GLN A 205 19.76 2.17 2.23
C GLN A 205 18.28 2.03 1.92
N ILE A 206 17.59 3.16 1.92
CA ILE A 206 16.15 3.18 1.79
C ILE A 206 15.74 3.59 0.38
N VAL A 207 15.08 2.67 -0.32
CA VAL A 207 14.80 2.82 -1.75
C VAL A 207 13.32 2.88 -1.98
N ALA A 208 12.84 4.03 -2.43
CA ALA A 208 11.43 4.19 -2.77
C ALA A 208 11.17 3.82 -4.21
N VAL A 209 10.07 3.11 -4.41
CA VAL A 209 9.64 2.77 -5.75
C VAL A 209 8.29 3.42 -6.01
N ASP A 210 8.21 4.20 -7.09
CA ASP A 210 6.97 4.90 -7.39
C ASP A 210 6.58 4.59 -8.83
N ALA A 211 5.31 4.82 -9.13
CA ALA A 211 4.83 4.73 -10.52
C ALA A 211 5.20 5.96 -11.34
N LYS A 212 5.58 5.72 -12.60
CA LYS A 212 5.75 6.81 -13.55
C LYS A 212 4.48 7.65 -13.57
N GLY A 213 4.65 8.97 -13.47
CA GLY A 213 3.50 9.88 -13.50
C GLY A 213 2.98 10.27 -12.13
N SER A 214 3.50 9.65 -11.08
CA SER A 214 3.14 10.01 -9.71
C SER A 214 3.84 11.30 -9.30
N VAL A 215 3.16 12.16 -8.54
N VAL A 215 3.14 12.12 -8.51
CA VAL A 215 3.75 13.44 -8.18
CA VAL A 215 3.62 13.43 -8.13
C VAL A 215 4.48 13.40 -6.82
C VAL A 215 4.40 13.41 -6.80
N ILE A 216 4.51 12.24 -6.18
CA ILE A 216 5.12 12.12 -4.86
C ILE A 216 6.54 12.68 -4.81
N PHE A 217 7.33 12.38 -5.85
CA PHE A 217 8.70 12.86 -5.98
C PHE A 217 8.82 13.75 -7.21
N GLY A 218 7.70 14.33 -7.66
CA GLY A 218 7.75 15.33 -8.72
C GLY A 218 7.92 14.84 -10.15
N ASP A 219 7.50 13.60 -10.43
CA ASP A 219 7.52 13.13 -11.82
C ASP A 219 6.47 13.90 -12.62
N LYS A 220 6.67 14.01 -13.94
CA LYS A 220 5.66 14.61 -14.79
C LYS A 220 4.42 13.72 -14.82
N PRO A 221 3.24 14.29 -14.49
CA PRO A 221 2.00 13.51 -14.48
C PRO A 221 1.66 12.89 -15.84
N ILE A 222 1.37 11.60 -15.82
CA ILE A 222 0.77 10.88 -16.94
C ILE A 222 -0.37 10.06 -16.36
N ASN A 223 -1.28 9.63 -17.21
CA ASN A 223 -2.33 8.72 -16.76
C ASN A 223 -1.75 7.44 -16.18
N ARG A 224 -2.21 7.07 -14.99
CA ARG A 224 -1.72 5.89 -14.27
C ARG A 224 -2.82 4.86 -14.09
N GLU A 225 -2.49 3.62 -14.37
CA GLU A 225 -3.48 2.54 -14.26
C GLU A 225 -3.51 1.85 -12.89
N LEU A 226 -2.40 1.81 -12.17
CA LEU A 226 -2.35 1.00 -10.93
C LEU A 226 -2.72 1.77 -9.67
N PRO A 227 -3.44 1.13 -8.76
CA PRO A 227 -3.73 1.71 -7.45
C PRO A 227 -2.60 1.42 -6.49
N GLY A 228 -2.68 2.00 -5.30
CA GLY A 228 -1.76 1.65 -4.22
C GLY A 228 -0.45 2.39 -4.32
N ILE A 229 0.32 2.06 -5.35
CA ILE A 229 1.55 2.76 -5.65
C ILE A 229 1.21 4.01 -6.47
N GLY A 230 1.89 5.12 -6.16
CA GLY A 230 1.67 6.38 -6.86
C GLY A 230 0.61 7.24 -6.19
N ALA A 231 0.74 8.55 -6.32
CA ALA A 231 -0.29 9.44 -5.80
C ALA A 231 -0.34 10.72 -6.60
N SER A 232 -1.48 11.40 -6.51
CA SER A 232 -1.70 12.68 -7.14
C SER A 232 -1.60 13.84 -6.13
N ARG A 233 -0.88 13.58 -5.05
CA ARG A 233 -0.55 14.62 -4.07
CA ARG A 233 -0.55 14.62 -4.07
C ARG A 233 0.79 14.27 -3.44
N VAL A 234 1.48 15.26 -2.89
CA VAL A 234 2.65 14.93 -2.07
C VAL A 234 2.16 14.68 -0.64
N PRO A 235 2.29 13.44 -0.15
CA PRO A 235 1.78 13.13 1.18
C PRO A 235 2.48 13.91 2.27
N GLU A 236 1.73 14.38 3.25
N GLU A 236 1.70 14.41 3.23
CA GLU A 236 2.32 15.18 4.32
CA GLU A 236 2.23 15.10 4.37
C GLU A 236 3.21 14.37 5.27
C GLU A 236 3.16 14.17 5.17
N ILE A 237 3.02 13.06 5.29
N ILE A 237 2.82 12.88 5.23
CA ILE A 237 3.84 12.22 6.18
CA ILE A 237 3.63 11.87 5.95
C ILE A 237 5.15 11.79 5.51
C ILE A 237 5.10 11.84 5.50
N LEU A 238 5.33 12.11 4.23
CA LEU A 238 6.65 11.91 3.60
C LEU A 238 7.70 12.88 4.15
N ASN A 239 8.85 12.32 4.53
CA ASN A 239 10.02 13.11 4.86
C ASN A 239 11.11 12.66 3.89
N ARG A 240 11.34 13.44 2.84
CA ARG A 240 12.22 13.02 1.76
C ARG A 240 13.63 12.75 2.21
N SER A 241 14.08 13.40 3.28
CA SER A 241 15.46 13.22 3.70
C SER A 241 15.71 11.78 4.17
N GLU A 242 14.66 11.03 4.44
CA GLU A 242 14.82 9.66 4.89
C GLU A 242 14.86 8.66 3.74
N ILE A 243 14.73 9.14 2.51
N ILE A 243 14.73 9.18 2.51
CA ILE A 243 14.76 8.25 1.36
CA ILE A 243 14.76 8.37 1.30
C ILE A 243 16.02 8.49 0.53
C ILE A 243 16.11 8.53 0.61
N ASN A 244 16.80 7.42 0.35
CA ASN A 244 18.13 7.51 -0.24
C ASN A 244 18.17 7.34 -1.76
N GLN A 245 17.12 6.71 -2.32
CA GLN A 245 17.10 6.41 -3.75
C GLN A 245 15.65 6.33 -4.20
N VAL A 246 15.36 6.82 -5.40
CA VAL A 246 14.00 6.79 -5.93
C VAL A 246 14.03 6.18 -7.31
N ILE A 247 13.26 5.11 -7.49
CA ILE A 247 13.12 4.45 -8.79
C ILE A 247 11.67 4.52 -9.26
N HIS A 248 11.47 5.02 -10.48
CA HIS A 248 10.14 5.07 -11.08
C HIS A 248 9.97 3.93 -12.08
N VAL A 249 8.80 3.30 -12.05
N VAL A 249 8.78 3.33 -12.05
CA VAL A 249 8.54 2.24 -13.00
CA VAL A 249 8.45 2.19 -12.90
C VAL A 249 7.19 2.44 -13.66
C VAL A 249 7.16 2.47 -13.66
N ASP A 250 7.12 2.18 -14.96
CA ASP A 250 5.87 2.36 -15.68
C ASP A 250 5.00 1.12 -15.57
N ASP A 251 3.75 1.24 -16.02
CA ASP A 251 2.78 0.18 -15.77
C ASP A 251 3.10 -1.10 -16.52
N TYR A 252 3.70 -0.98 -17.70
CA TYR A 252 4.16 -2.18 -18.41
C TYR A 252 5.27 -2.93 -17.62
N GLN A 253 6.28 -2.23 -17.11
N GLN A 253 6.28 -2.19 -17.17
CA GLN A 253 7.32 -2.95 -16.39
CA GLN A 253 7.35 -2.71 -16.34
C GLN A 253 6.83 -3.44 -15.02
C GLN A 253 6.77 -3.43 -15.11
N SER A 254 5.85 -2.75 -14.42
CA SER A 254 5.24 -3.30 -13.20
C SER A 254 4.56 -4.64 -13.53
N ALA A 255 3.78 -4.65 -14.61
CA ALA A 255 3.06 -5.85 -14.97
C ALA A 255 4.01 -6.99 -15.37
N LEU A 256 5.09 -6.68 -16.10
CA LEU A 256 6.07 -7.72 -16.38
C LEU A 256 6.67 -8.28 -15.09
N GLY A 257 6.89 -7.41 -14.10
CA GLY A 257 7.41 -7.85 -12.81
C GLY A 257 6.48 -8.83 -12.11
N CYS A 258 5.18 -8.54 -12.13
CA CYS A 258 4.19 -9.46 -11.56
C CYS A 258 4.21 -10.81 -12.25
N ARG A 259 4.27 -10.77 -13.58
CA ARG A 259 4.22 -12.02 -14.32
C ARG A 259 5.50 -12.81 -14.12
N LYS A 260 6.62 -12.12 -13.97
CA LYS A 260 7.87 -12.83 -13.71
C LYS A 260 7.89 -13.44 -12.32
N LEU A 261 7.38 -12.70 -11.34
CA LEU A 261 7.34 -13.22 -9.97
C LEU A 261 6.47 -14.48 -9.88
N ILE A 262 5.32 -14.51 -10.55
CA ILE A 262 4.50 -15.71 -10.46
C ILE A 262 5.16 -16.86 -11.23
N ASP A 263 5.84 -16.54 -12.35
CA ASP A 263 6.48 -17.58 -13.15
C ASP A 263 7.68 -18.20 -12.44
N TYR A 264 8.44 -17.38 -11.72
CA TYR A 264 9.67 -17.86 -11.07
C TYR A 264 9.46 -18.38 -9.66
N GLU A 265 8.48 -17.83 -8.94
CA GLU A 265 8.32 -18.17 -7.52
C GLU A 265 6.92 -18.67 -7.16
N GLY A 266 5.98 -18.64 -8.10
CA GLY A 266 4.61 -19.08 -7.81
C GLY A 266 3.82 -18.14 -6.92
N ILE A 267 4.34 -16.92 -6.76
CA ILE A 267 3.70 -15.90 -5.94
C ILE A 267 2.88 -14.98 -6.84
N PHE A 268 1.58 -14.95 -6.60
CA PHE A 268 0.58 -14.22 -7.37
C PHE A 268 0.23 -12.91 -6.67
N ALA A 269 0.96 -11.84 -7.01
CA ALA A 269 0.84 -10.58 -6.27
C ALA A 269 0.37 -9.44 -7.15
N GLY A 270 0.02 -8.34 -6.51
CA GLY A 270 -0.59 -7.23 -7.23
C GLY A 270 0.38 -6.28 -7.90
N GLY A 271 -0.19 -5.23 -8.48
CA GLY A 271 0.57 -4.33 -9.33
C GLY A 271 1.82 -3.76 -8.71
N SER A 272 1.67 -3.17 -7.52
CA SER A 272 2.83 -2.56 -6.87
C SER A 272 3.93 -3.58 -6.49
N THR A 273 3.58 -4.85 -6.33
CA THR A 273 4.62 -5.87 -6.13
C THR A 273 5.44 -5.99 -7.42
N GLY A 274 4.76 -6.00 -8.57
CA GLY A 274 5.45 -5.99 -9.84
C GLY A 274 6.38 -4.78 -9.96
N SER A 275 5.92 -3.63 -9.46
CA SER A 275 6.76 -2.44 -9.47
C SER A 275 8.06 -2.67 -8.71
N ILE A 276 7.92 -3.26 -7.53
N ILE A 276 7.98 -3.26 -7.52
CA ILE A 276 9.03 -3.63 -6.67
CA ILE A 276 9.23 -3.44 -6.76
C ILE A 276 10.02 -4.53 -7.41
C ILE A 276 10.09 -4.59 -7.35
N ILE A 277 9.51 -5.54 -8.08
CA ILE A 277 10.33 -6.52 -8.79
C ILE A 277 11.10 -5.80 -9.90
N ALA A 278 10.40 -4.97 -10.68
CA ALA A 278 11.08 -4.20 -11.71
C ALA A 278 12.19 -3.32 -11.11
N ALA A 279 11.88 -2.66 -10.01
CA ALA A 279 12.87 -1.79 -9.37
C ALA A 279 14.05 -2.54 -8.78
N ILE A 280 13.82 -3.69 -8.17
CA ILE A 280 14.94 -4.48 -7.67
C ILE A 280 15.82 -4.97 -8.85
N GLU A 281 15.21 -5.40 -9.95
CA GLU A 281 16.02 -5.79 -11.10
C GLU A 281 16.86 -4.62 -11.59
N GLN A 282 16.35 -3.39 -11.50
CA GLN A 282 17.18 -2.23 -11.86
C GLN A 282 18.26 -2.00 -10.81
N LEU A 283 17.88 -2.07 -9.55
CA LEU A 283 18.83 -1.84 -8.46
C LEU A 283 20.04 -2.78 -8.52
N ILE A 284 19.78 -4.03 -8.84
N ILE A 284 19.81 -4.06 -8.82
CA ILE A 284 20.80 -5.06 -8.82
CA ILE A 284 20.89 -5.05 -8.79
C ILE A 284 21.90 -4.81 -9.88
C ILE A 284 21.91 -4.85 -9.92
N THR A 285 21.61 -4.01 -10.90
CA THR A 285 22.61 -3.68 -11.92
C THR A 285 23.67 -2.71 -11.34
N SER A 286 23.41 -2.16 -10.15
CA SER A 286 24.33 -1.17 -9.55
C SER A 286 24.97 -1.60 -8.25
N ILE A 287 24.30 -2.47 -7.49
CA ILE A 287 24.80 -2.82 -6.16
C ILE A 287 25.73 -4.03 -6.19
N GLU A 288 26.22 -4.39 -5.01
CA GLU A 288 27.16 -5.49 -4.88
C GLU A 288 26.45 -6.84 -4.97
N GLU A 289 27.07 -7.80 -5.65
CA GLU A 289 26.54 -9.17 -5.65
C GLU A 289 26.45 -9.64 -4.19
N GLY A 290 25.42 -10.42 -3.89
CA GLY A 290 25.30 -11.01 -2.57
C GLY A 290 24.63 -10.12 -1.55
N ALA A 291 24.23 -8.91 -1.95
CA ALA A 291 23.59 -7.97 -1.01
C ALA A 291 22.31 -8.54 -0.43
N THR A 292 21.99 -8.12 0.80
CA THR A 292 20.74 -8.47 1.43
C THR A 292 19.72 -7.36 1.17
N ILE A 293 18.64 -7.73 0.49
CA ILE A 293 17.57 -6.81 0.11
C ILE A 293 16.28 -7.27 0.76
N VAL A 294 15.55 -6.36 1.42
CA VAL A 294 14.25 -6.68 1.99
C VAL A 294 13.20 -5.83 1.32
N THR A 295 12.07 -6.44 1.02
CA THR A 295 10.97 -5.73 0.38
C THR A 295 9.66 -6.26 0.92
N ILE A 296 8.57 -5.62 0.51
CA ILE A 296 7.21 -5.95 0.94
C ILE A 296 6.30 -6.16 -0.27
N LEU A 297 5.38 -7.12 -0.16
CA LEU A 297 4.45 -7.42 -1.25
C LEU A 297 3.04 -7.09 -0.77
N PRO A 298 2.53 -5.91 -1.15
CA PRO A 298 1.32 -5.40 -0.47
C PRO A 298 -0.01 -6.11 -0.69
N ASP A 299 -0.30 -6.65 -1.89
CA ASP A 299 -1.62 -7.25 -2.09
C ASP A 299 -1.53 -8.38 -3.11
N ARG A 300 -2.66 -9.02 -3.37
CA ARG A 300 -2.72 -10.24 -4.18
CA ARG A 300 -2.74 -10.24 -4.18
C ARG A 300 -3.04 -9.96 -5.63
N GLY A 301 -2.65 -10.88 -6.51
CA GLY A 301 -2.95 -10.72 -7.92
C GLY A 301 -4.44 -10.75 -8.22
N ASP A 302 -5.25 -11.29 -7.30
CA ASP A 302 -6.69 -11.45 -7.50
C ASP A 302 -7.42 -10.16 -7.80
N ARG A 303 -6.81 -9.05 -7.40
CA ARG A 303 -7.41 -7.72 -7.56
C ARG A 303 -6.92 -7.06 -8.87
N TYR A 304 -6.26 -7.85 -9.74
CA TYR A 304 -5.64 -7.30 -10.96
C TYR A 304 -5.90 -8.17 -12.20
N LEU A 305 -6.98 -8.95 -12.20
CA LEU A 305 -7.25 -9.84 -13.33
C LEU A 305 -7.55 -9.11 -14.63
N ASP A 306 -8.08 -7.90 -14.50
CA ASP A 306 -8.39 -7.09 -15.67
C ASP A 306 -7.34 -6.00 -15.88
N LEU A 307 -6.26 -6.07 -15.11
CA LEU A 307 -5.14 -5.16 -15.24
C LEU A 307 -3.93 -6.00 -15.62
N VAL A 308 -2.93 -6.05 -14.74
CA VAL A 308 -1.69 -6.79 -14.93
C VAL A 308 -1.84 -8.17 -15.58
N TYR A 309 -2.85 -8.93 -15.14
CA TYR A 309 -2.96 -10.31 -15.56
C TYR A 309 -3.87 -10.50 -16.75
N SER A 310 -4.29 -9.39 -17.36
CA SER A 310 -4.99 -9.46 -18.64
C SER A 310 -3.98 -9.26 -19.76
N ASP A 311 -3.88 -10.21 -20.67
CA ASP A 311 -2.94 -10.10 -21.78
C ASP A 311 -3.24 -8.89 -22.70
N THR A 312 -4.52 -8.56 -22.90
CA THR A 312 -4.85 -7.41 -23.73
C THR A 312 -4.45 -6.12 -23.04
N TRP A 313 -4.65 -6.06 -21.73
CA TRP A 313 -4.23 -4.87 -20.99
C TRP A 313 -2.72 -4.70 -21.06
N LEU A 314 -1.98 -5.81 -20.95
CA LEU A 314 -0.52 -5.77 -20.99
C LEU A 314 -0.04 -5.19 -22.32
N GLU A 315 -0.66 -5.61 -23.42
CA GLU A 315 -0.27 -5.10 -24.74
C GLU A 315 -0.55 -3.60 -24.84
N LYS A 316 -1.67 -3.15 -24.27
CA LYS A 316 -1.96 -1.72 -24.27
C LYS A 316 -0.92 -0.92 -23.47
N MET A 317 -0.45 -1.47 -22.37
CA MET A 317 0.54 -0.76 -21.57
C MET A 317 1.90 -0.76 -22.26
N LYS A 318 2.18 -1.85 -22.98
CA LYS A 318 3.40 -1.92 -23.80
C LYS A 318 3.40 -0.78 -24.81
N SER A 319 2.23 -0.53 -25.39
CA SER A 319 2.10 0.56 -26.35
C SER A 319 2.28 1.93 -25.73
N ARG A 320 2.02 2.07 -24.44
CA ARG A 320 2.19 3.37 -23.78
C ARG A 320 3.65 3.79 -23.64
N GLN A 321 4.55 2.81 -23.63
N GLN A 321 4.57 2.82 -23.67
CA GLN A 321 5.98 3.12 -23.56
CA GLN A 321 6.00 3.11 -23.50
C GLN A 321 6.42 3.85 -24.84
C GLN A 321 6.49 4.25 -24.40
N1 PLP B . 0.69 -1.04 -2.95
C2 PLP B . -0.59 -1.34 -2.56
C2A PLP B . -1.30 -2.45 -3.24
C3 PLP B . -1.18 -0.64 -1.56
O3 PLP B . -2.44 -0.99 -1.21
C4 PLP B . -0.52 0.42 -0.93
C4A PLP B . -1.20 1.12 0.19
C5 PLP B . 0.79 0.73 -1.33
C6 PLP B . 1.36 -0.01 -2.35
C5A PLP B . 1.62 1.88 -0.79
O4P PLP B . 1.73 1.89 0.62
P PLP B . 1.74 3.29 1.40
O1P PLP B . 1.96 2.93 2.83
O2P PLP B . 2.88 4.13 0.83
O3P PLP B . 0.41 3.98 1.21
MG MG C . -25.30 11.05 15.35
MG MG D . 0.05 -5.27 13.01
MG MG E . 21.67 -19.29 -1.97
K K F . -3.85 10.46 -4.72
K K G . -9.52 13.53 1.60
#